data_3RU2
#
_entry.id   3RU2
#
_cell.length_a   122.290
_cell.length_b   122.290
_cell.length_c   155.779
_cell.angle_alpha   90.00
_cell.angle_beta   90.00
_cell.angle_gamma   90.00
#
_symmetry.space_group_name_H-M   'I 4 2 2'
#
loop_
_entity.id
_entity.type
_entity.pdbx_description
1 polymer 'Putative uncharacterized protein'
2 polymer 'Unknown peptide, probably from expression host'
3 non-polymer 'POTASSIUM ION'
4 non-polymer 'NADPH DIHYDRO-NICOTINAMIDE-ADENINE-DINUCLEOTIDE PHOSPHATE'
5 non-polymer 'BETA-6-HYDROXY-1,4,5,6-TETRAHYDRONICOTINAMIDE ADENINE DINUCLEOTIDE PHOSPHATE'
6 water water
#
loop_
_entity_poly.entity_id
_entity_poly.type
_entity_poly.pdbx_seq_one_letter_code
_entity_poly.pdbx_strand_id
1 'polypeptide(L)'
;MGSDKIHHHHHHMKEIDELTIKEYGVDSRILMERAGISVVLAMEEELGNLSDYRFLVLCGGGNNGGDGFVVARNLLGVVK
DVLVVFLGKKKTPDCEYNYGLYKKFGGKVVEQFEPSILNEFDVVVDAIFGTGLRGEITGEYAEIINLVNKSGKVVVSVDV
PSGIDSNTGKVLRTAVKADLTVTFGVPKIGHILFPGRDLTGKLKVANIGHPVHLINSINRYVITREMVRSLLPERPRDSH
KGTYGKVLIIAGSRLYSGAPVLSGMGSLKVGTGLVKLAVPFPQNLIATSRFPELISVPIDTEKGFFSLQNLQECLELSKD
VDVVAIGPGLGNNEHVREFVNEFLKTLEKPAVIDADAINVLDTSVLKERKSPAVLTPHPGEMARLVKKTVGDVKYNYELA
EEFAKENDCVLVLKSATTIVTDGEKTLFNITGNTGLSKGGSGDVLTGMIAGFIAQGLSPLEASTVSVYLHGFAAELFEQD
ERGLTASELLRLIPEAIRRLKE
;
A
2 'polypeptide(L)' AWLFEA B
#
# COMPACT_ATOMS: atom_id res chain seq x y z
N MET A 13 -8.27 -16.46 -4.03
CA MET A 13 -7.29 -17.20 -4.89
C MET A 13 -7.30 -18.73 -4.65
N LYS A 14 -7.37 -19.15 -3.38
CA LYS A 14 -7.86 -20.47 -3.03
C LYS A 14 -9.16 -20.72 -3.84
N GLU A 15 -10.11 -19.80 -3.71
CA GLU A 15 -11.37 -19.86 -4.47
C GLU A 15 -11.13 -19.91 -5.98
N ILE A 16 -10.11 -19.20 -6.46
CA ILE A 16 -9.89 -19.02 -7.88
C ILE A 16 -9.37 -20.29 -8.53
N ASP A 17 -8.36 -20.89 -7.91
CA ASP A 17 -7.89 -22.18 -8.28
C ASP A 17 -8.98 -23.24 -8.33
N GLU A 18 -9.76 -23.31 -7.23
CA GLU A 18 -10.80 -24.35 -7.13
C GLU A 18 -11.81 -24.19 -8.25
N LEU A 19 -12.29 -22.96 -8.47
CA LEU A 19 -13.28 -22.77 -9.52
C LEU A 19 -12.66 -23.10 -10.91
N THR A 20 -11.39 -22.71 -11.15
CA THR A 20 -10.78 -22.93 -12.44
C THR A 20 -10.65 -24.43 -12.72
N ILE A 21 -10.30 -25.19 -11.69
CA ILE A 21 -10.26 -26.65 -11.80
C ILE A 21 -11.68 -27.25 -11.88
N LYS A 22 -12.50 -27.00 -10.87
CA LYS A 22 -13.76 -27.75 -10.72
C LYS A 22 -14.92 -27.28 -11.63
N GLU A 23 -14.99 -25.99 -11.95
CA GLU A 23 -16.11 -25.51 -12.79
C GLU A 23 -15.66 -25.25 -14.21
N TYR A 24 -14.47 -24.70 -14.39
CA TYR A 24 -13.98 -24.41 -15.75
C TYR A 24 -13.34 -25.65 -16.38
N GLY A 25 -12.80 -26.54 -15.58
CA GLY A 25 -12.32 -27.84 -16.05
C GLY A 25 -10.85 -27.93 -16.35
N VAL A 26 -10.08 -26.98 -15.85
CA VAL A 26 -8.66 -27.01 -16.11
C VAL A 26 -8.02 -28.01 -15.14
N ASP A 27 -7.35 -29.02 -15.68
CA ASP A 27 -6.65 -30.00 -14.86
C ASP A 27 -5.72 -29.30 -13.89
N SER A 28 -5.72 -29.72 -12.61
CA SER A 28 -4.83 -29.14 -11.61
C SER A 28 -3.40 -29.29 -12.05
N ARG A 29 -3.08 -30.36 -12.76
CA ARG A 29 -1.73 -30.52 -13.19
C ARG A 29 -1.26 -29.51 -14.24
N ILE A 30 -2.17 -29.08 -15.11
CA ILE A 30 -1.91 -28.01 -16.08
C ILE A 30 -1.62 -26.67 -15.37
N LEU A 31 -2.39 -26.33 -14.33
CA LEU A 31 -2.12 -25.11 -13.60
C LEU A 31 -0.73 -25.19 -12.94
N MET A 32 -0.38 -26.38 -12.42
CA MET A 32 0.87 -26.54 -11.75
C MET A 32 2.05 -26.41 -12.75
N GLU A 33 1.92 -27.01 -13.93
CA GLU A 33 2.96 -26.91 -14.94
C GLU A 33 3.18 -25.47 -15.34
N ARG A 34 2.07 -24.78 -15.58
CA ARG A 34 2.10 -23.36 -15.94
C ARG A 34 2.78 -22.53 -14.82
N ALA A 35 2.53 -22.87 -13.54
CA ALA A 35 3.15 -22.15 -12.43
C ALA A 35 4.68 -22.32 -12.50
N GLY A 36 5.11 -23.56 -12.70
CA GLY A 36 6.52 -23.86 -12.64
C GLY A 36 7.26 -23.24 -13.77
N ILE A 37 6.70 -23.29 -14.97
CA ILE A 37 7.44 -22.73 -16.08
C ILE A 37 7.51 -21.19 -15.98
N SER A 38 6.48 -20.56 -15.41
CA SER A 38 6.55 -19.11 -15.11
C SER A 38 7.75 -18.78 -14.30
N VAL A 39 8.03 -19.60 -13.30
CA VAL A 39 9.18 -19.32 -12.43
C VAL A 39 10.46 -19.44 -13.24
N VAL A 40 10.58 -20.44 -14.12
CA VAL A 40 11.79 -20.55 -14.91
C VAL A 40 11.95 -19.32 -15.77
N LEU A 41 10.87 -18.87 -16.43
CA LEU A 41 10.98 -17.69 -17.35
C LEU A 41 11.28 -16.43 -16.59
N ALA A 42 10.73 -16.32 -15.38
CA ALA A 42 10.95 -15.14 -14.50
C ALA A 42 12.45 -15.09 -14.10
N MET A 43 13.02 -16.24 -13.76
CA MET A 43 14.43 -16.33 -13.42
C MET A 43 15.36 -15.95 -14.56
N GLU A 44 15.04 -16.43 -15.75
CA GLU A 44 15.84 -16.12 -16.95
C GLU A 44 15.86 -14.61 -17.26
N GLU A 45 14.71 -14.00 -17.21
CA GLU A 45 14.52 -12.57 -17.35
C GLU A 45 15.34 -11.81 -16.33
N GLU A 46 15.44 -12.31 -15.10
CA GLU A 46 16.22 -11.65 -14.07
C GLU A 46 17.70 -11.99 -14.06
N LEU A 47 18.07 -13.23 -14.37
CA LEU A 47 19.48 -13.65 -14.33
C LEU A 47 20.14 -13.74 -15.69
N GLY A 48 19.39 -13.51 -16.75
CA GLY A 48 19.91 -13.81 -18.07
C GLY A 48 20.04 -15.31 -18.21
N ASN A 49 20.90 -15.73 -19.12
CA ASN A 49 21.03 -17.13 -19.48
C ASN A 49 21.30 -18.02 -18.28
N LEU A 50 20.49 -19.05 -18.12
CA LEU A 50 20.48 -19.87 -16.91
C LEU A 50 21.51 -20.98 -16.93
N SER A 51 22.06 -21.24 -18.11
CA SER A 51 22.78 -22.48 -18.30
C SER A 51 24.07 -22.54 -17.47
N ASP A 52 24.58 -21.39 -17.03
CA ASP A 52 25.76 -21.30 -16.19
C ASP A 52 25.54 -21.59 -14.69
N TYR A 53 24.30 -21.58 -14.23
CA TYR A 53 24.05 -21.58 -12.81
C TYR A 53 23.74 -22.98 -12.27
N ARG A 54 24.00 -23.16 -10.99
CA ARG A 54 23.61 -24.36 -10.26
C ARG A 54 22.47 -24.04 -9.29
N PHE A 55 21.40 -24.84 -9.35
CA PHE A 55 20.15 -24.62 -8.66
C PHE A 55 19.86 -25.62 -7.55
N LEU A 56 19.53 -25.08 -6.38
CA LEU A 56 19.10 -25.88 -5.21
C LEU A 56 17.66 -25.60 -4.98
N VAL A 57 16.83 -26.60 -5.18
CA VAL A 57 15.38 -26.43 -5.10
C VAL A 57 14.91 -27.06 -3.80
N LEU A 58 14.32 -26.25 -2.94
CA LEU A 58 13.80 -26.71 -1.68
C LEU A 58 12.29 -26.88 -1.73
N CYS A 59 11.81 -28.11 -1.57
CA CYS A 59 10.40 -28.45 -1.77
C CYS A 59 9.81 -29.03 -0.50
N GLY A 60 8.72 -28.38 -0.03
CA GLY A 60 7.82 -28.98 0.95
C GLY A 60 6.89 -30.02 0.29
N GLY A 61 6.00 -30.57 1.10
CA GLY A 61 5.18 -31.64 0.65
C GLY A 61 3.80 -31.23 0.18
N GLY A 62 3.52 -29.92 0.12
CA GLY A 62 2.25 -29.43 -0.45
C GLY A 62 2.39 -28.99 -1.89
N ASN A 63 1.40 -28.26 -2.38
CA ASN A 63 1.39 -27.84 -3.77
C ASN A 63 2.48 -26.78 -4.08
N ASN A 64 2.94 -26.06 -3.05
CA ASN A 64 4.05 -25.15 -3.25
C ASN A 64 5.32 -25.95 -3.68
N GLY A 65 5.53 -27.07 -3.02
CA GLY A 65 6.65 -27.96 -3.40
C GLY A 65 6.45 -28.60 -4.76
N GLY A 66 5.20 -28.92 -5.08
CA GLY A 66 4.81 -29.39 -6.41
C GLY A 66 5.24 -28.42 -7.51
N ASP A 67 4.97 -27.14 -7.31
CA ASP A 67 5.49 -26.11 -8.23
C ASP A 67 6.99 -26.22 -8.27
N GLY A 68 7.64 -26.38 -7.13
CA GLY A 68 9.09 -26.47 -7.12
C GLY A 68 9.64 -27.68 -7.96
N PHE A 69 8.99 -28.83 -7.89
CA PHE A 69 9.38 -30.00 -8.72
C PHE A 69 9.23 -29.73 -10.21
N VAL A 70 8.22 -28.95 -10.58
CA VAL A 70 8.07 -28.52 -11.96
C VAL A 70 9.26 -27.69 -12.40
N VAL A 71 9.60 -26.74 -11.54
CA VAL A 71 10.79 -25.91 -11.82
C VAL A 71 12.04 -26.75 -12.04
N ALA A 72 12.30 -27.68 -11.13
CA ALA A 72 13.50 -28.47 -11.11
C ALA A 72 13.52 -29.33 -12.34
N ARG A 73 12.41 -29.94 -12.68
CA ARG A 73 12.37 -30.81 -13.84
C ARG A 73 12.68 -30.05 -15.11
N ASN A 74 12.15 -28.84 -15.22
CA ASN A 74 12.36 -28.02 -16.40
C ASN A 74 13.78 -27.47 -16.54
N LEU A 75 14.55 -27.47 -15.47
CA LEU A 75 15.97 -27.11 -15.53
C LEU A 75 16.87 -28.29 -15.87
N LEU A 76 16.39 -29.54 -15.73
CA LEU A 76 17.25 -30.72 -16.01
C LEU A 76 17.79 -30.66 -17.41
N GLY A 77 19.11 -30.83 -17.52
CA GLY A 77 19.78 -30.89 -18.77
C GLY A 77 20.04 -29.54 -19.40
N VAL A 78 19.52 -28.48 -18.83
CA VAL A 78 19.72 -27.19 -19.43
C VAL A 78 20.66 -26.29 -18.62
N VAL A 79 20.84 -26.57 -17.32
CA VAL A 79 21.68 -25.75 -16.45
C VAL A 79 22.86 -26.57 -15.96
N LYS A 80 23.81 -25.96 -15.26
CA LYS A 80 24.95 -26.67 -14.78
C LYS A 80 24.58 -27.81 -13.81
N ASP A 81 23.72 -27.51 -12.83
CA ASP A 81 23.29 -28.53 -11.89
C ASP A 81 21.96 -28.16 -11.21
N VAL A 82 21.16 -29.21 -10.96
CA VAL A 82 19.95 -29.11 -10.16
C VAL A 82 19.98 -30.19 -9.10
N LEU A 83 19.64 -29.81 -7.88
CA LEU A 83 19.33 -30.75 -6.82
C LEU A 83 18.07 -30.31 -6.04
N VAL A 84 17.22 -31.26 -5.69
CA VAL A 84 16.07 -30.98 -4.89
C VAL A 84 16.33 -31.51 -3.49
N VAL A 85 16.09 -30.68 -2.48
CA VAL A 85 15.96 -31.15 -1.08
C VAL A 85 14.48 -31.18 -0.75
N PHE A 86 13.95 -32.35 -0.52
CA PHE A 86 12.57 -32.51 -0.19
C PHE A 86 12.49 -32.59 1.33
N LEU A 87 11.72 -31.67 1.90
CA LEU A 87 11.71 -31.45 3.35
C LEU A 87 10.40 -31.91 3.98
N GLY A 88 9.44 -32.33 3.17
CA GLY A 88 8.18 -32.80 3.69
C GLY A 88 8.16 -34.23 4.21
N LYS A 89 7.02 -34.62 4.78
CA LYS A 89 6.86 -35.98 5.26
C LYS A 89 5.93 -36.78 4.41
N LYS A 90 5.23 -36.13 3.50
CA LYS A 90 4.29 -36.79 2.60
C LYS A 90 3.99 -35.76 1.52
N LYS A 91 3.28 -36.18 0.48
CA LYS A 91 3.07 -35.36 -0.70
C LYS A 91 1.62 -35.29 -1.11
N THR A 92 1.13 -34.10 -1.47
CA THR A 92 -0.18 -34.01 -2.10
C THR A 92 -0.10 -34.69 -3.49
N PRO A 93 -1.25 -35.00 -4.10
CA PRO A 93 -1.26 -35.72 -5.41
C PRO A 93 -0.45 -35.05 -6.54
N ASP A 94 -0.62 -33.75 -6.70
CA ASP A 94 0.12 -33.03 -7.71
C ASP A 94 1.59 -32.93 -7.39
N CYS A 95 1.92 -32.79 -6.11
CA CYS A 95 3.29 -32.75 -5.71
C CYS A 95 3.92 -34.09 -6.02
N GLU A 96 3.20 -35.16 -5.73
CA GLU A 96 3.67 -36.51 -5.99
C GLU A 96 3.86 -36.79 -7.49
N TYR A 97 2.93 -36.36 -8.31
CA TYR A 97 3.02 -36.59 -9.74
C TYR A 97 4.26 -35.91 -10.27
N ASN A 98 4.45 -34.68 -9.84
CA ASN A 98 5.59 -33.90 -10.25
C ASN A 98 6.93 -34.39 -9.75
N TYR A 99 6.95 -34.90 -8.54
CA TYR A 99 8.11 -35.54 -7.98
C TYR A 99 8.41 -36.75 -8.86
N GLY A 100 7.37 -37.46 -9.27
CA GLY A 100 7.57 -38.60 -10.13
C GLY A 100 8.18 -38.23 -11.47
N LEU A 101 7.72 -37.17 -12.10
CA LEU A 101 8.31 -36.75 -13.36
C LEU A 101 9.76 -36.32 -13.21
N TYR A 102 10.05 -35.58 -12.15
CA TYR A 102 11.43 -35.10 -11.86
C TYR A 102 12.39 -36.29 -11.84
N LYS A 103 12.05 -37.31 -11.06
CA LYS A 103 12.89 -38.53 -11.00
C LYS A 103 12.95 -39.32 -12.31
N LYS A 104 11.81 -39.50 -13.00
CA LYS A 104 11.80 -40.24 -14.30
C LYS A 104 12.71 -39.51 -15.30
N PHE A 105 12.73 -38.18 -15.22
CA PHE A 105 13.57 -37.33 -16.08
C PHE A 105 15.03 -37.34 -15.69
N GLY A 106 15.41 -38.14 -14.70
CA GLY A 106 16.82 -38.24 -14.24
C GLY A 106 17.20 -37.32 -13.08
N GLY A 107 16.23 -36.71 -12.42
CA GLY A 107 16.51 -35.77 -11.32
C GLY A 107 16.94 -36.38 -10.00
N LYS A 108 17.84 -35.69 -9.32
CA LYS A 108 18.35 -36.11 -8.01
C LYS A 108 17.58 -35.39 -6.87
N VAL A 109 17.05 -36.20 -5.95
CA VAL A 109 16.39 -35.72 -4.76
C VAL A 109 17.15 -36.19 -3.56
N VAL A 110 17.32 -35.33 -2.56
CA VAL A 110 17.76 -35.82 -1.25
C VAL A 110 16.70 -35.35 -0.27
N GLU A 111 16.62 -36.05 0.86
CA GLU A 111 15.69 -35.72 1.94
C GLU A 111 16.36 -35.16 3.18
N GLN A 112 17.68 -35.19 3.23
CA GLN A 112 18.41 -34.67 4.39
C GLN A 112 19.26 -33.45 3.96
N PHE A 113 19.09 -32.39 4.73
CA PHE A 113 19.72 -31.10 4.45
C PHE A 113 21.00 -30.93 5.27
N GLU A 114 22.10 -30.70 4.59
CA GLU A 114 23.33 -30.41 5.31
C GLU A 114 23.85 -28.98 5.06
N PRO A 115 24.19 -28.24 6.13
CA PRO A 115 24.53 -26.80 6.04
C PRO A 115 25.59 -26.39 4.99
N SER A 116 26.56 -27.23 4.76
CA SER A 116 27.51 -27.04 3.65
C SER A 116 26.89 -27.24 2.26
N ILE A 117 25.64 -27.69 2.17
CA ILE A 117 25.03 -27.99 0.86
C ILE A 117 24.99 -26.74 -0.02
N LEU A 118 24.65 -25.62 0.61
CA LEU A 118 24.58 -24.32 -0.02
C LEU A 118 25.88 -23.99 -0.76
N ASN A 119 27.02 -24.39 -0.21
CA ASN A 119 28.31 -24.13 -0.89
C ASN A 119 28.39 -24.41 -2.37
N GLU A 120 27.70 -25.42 -2.87
CA GLU A 120 27.88 -25.85 -4.25
C GLU A 120 26.75 -25.41 -5.23
N PHE A 121 26.02 -24.35 -4.87
CA PHE A 121 24.93 -23.88 -5.69
C PHE A 121 24.89 -22.37 -5.69
N ASP A 122 24.29 -21.81 -6.74
CA ASP A 122 24.31 -20.36 -6.93
C ASP A 122 22.96 -19.75 -6.64
N VAL A 123 21.90 -20.49 -6.92
CA VAL A 123 20.52 -20.05 -6.77
C VAL A 123 19.74 -21.08 -5.95
N VAL A 124 19.01 -20.56 -4.97
CA VAL A 124 18.08 -21.30 -4.18
C VAL A 124 16.67 -20.93 -4.67
N VAL A 125 15.93 -21.95 -5.10
CA VAL A 125 14.53 -21.82 -5.39
C VAL A 125 13.76 -22.26 -4.16
N ASP A 126 13.05 -21.35 -3.52
CA ASP A 126 12.31 -21.61 -2.26
C ASP A 126 10.86 -22.02 -2.54
N ALA A 127 10.62 -23.34 -2.54
CA ALA A 127 9.28 -23.90 -2.71
C ALA A 127 8.83 -24.72 -1.50
N ILE A 128 9.17 -24.24 -0.32
CA ILE A 128 8.83 -24.92 0.94
C ILE A 128 7.38 -24.74 1.34
N PHE A 129 6.98 -23.49 1.62
CA PHE A 129 5.57 -23.14 1.89
C PHE A 129 5.10 -21.95 1.07
N GLY A 130 3.92 -22.06 0.51
CA GLY A 130 3.25 -20.90 -0.07
C GLY A 130 2.06 -20.41 0.79
N THR A 131 0.87 -20.41 0.21
CA THR A 131 -0.35 -19.99 0.93
C THR A 131 -0.88 -21.02 1.93
N GLY A 132 -0.30 -22.20 1.96
CA GLY A 132 -0.71 -23.22 2.90
C GLY A 132 0.05 -23.15 4.23
N LEU A 133 0.88 -22.13 4.41
CA LEU A 133 1.58 -22.00 5.68
C LEU A 133 0.56 -21.83 6.81
N ARG A 134 0.72 -22.54 7.91
CA ARG A 134 -0.17 -22.37 9.06
C ARG A 134 0.70 -22.44 10.33
N GLY A 135 0.60 -21.41 11.16
CA GLY A 135 1.39 -21.29 12.35
C GLY A 135 2.88 -21.12 12.11
N GLU A 136 3.64 -21.10 13.19
CA GLU A 136 5.05 -20.71 13.22
C GLU A 136 5.92 -21.80 12.63
N ILE A 137 6.99 -21.40 11.98
CA ILE A 137 8.00 -22.34 11.48
C ILE A 137 9.02 -22.57 12.56
N THR A 138 9.28 -23.84 12.85
CA THR A 138 10.23 -24.26 13.88
C THR A 138 10.99 -25.47 13.37
N GLY A 139 11.89 -25.99 14.19
CA GLY A 139 12.56 -27.26 13.83
C GLY A 139 13.45 -27.08 12.62
N GLU A 140 13.53 -28.12 11.82
CA GLU A 140 14.44 -28.13 10.70
C GLU A 140 14.05 -27.09 9.71
N TYR A 141 12.76 -26.99 9.37
CA TYR A 141 12.28 -25.97 8.40
C TYR A 141 12.91 -24.60 8.67
N ALA A 142 12.93 -24.21 9.94
CA ALA A 142 13.48 -22.96 10.39
C ALA A 142 15.01 -22.92 10.25
N GLU A 143 15.69 -24.01 10.60
CA GLU A 143 17.15 -24.04 10.54
C GLU A 143 17.50 -23.90 9.08
N ILE A 144 16.74 -24.54 8.22
CA ILE A 144 17.02 -24.42 6.82
C ILE A 144 16.81 -22.98 6.34
N ILE A 145 15.71 -22.34 6.76
CA ILE A 145 15.42 -20.97 6.28
C ILE A 145 16.49 -19.99 6.77
N ASN A 146 16.97 -20.19 7.98
CA ASN A 146 18.06 -19.37 8.53
C ASN A 146 19.39 -19.55 7.78
N LEU A 147 19.73 -20.79 7.48
CA LEU A 147 20.86 -21.12 6.63
C LEU A 147 20.74 -20.42 5.29
N VAL A 148 19.60 -20.52 4.60
CA VAL A 148 19.44 -19.82 3.34
C VAL A 148 19.63 -18.29 3.48
N ASN A 149 19.00 -17.70 4.50
CA ASN A 149 19.16 -16.26 4.77
C ASN A 149 20.59 -15.81 5.12
N LYS A 150 21.44 -16.71 5.58
CA LYS A 150 22.84 -16.36 5.89
C LYS A 150 23.77 -16.59 4.71
N SER A 151 23.27 -17.21 3.65
CA SER A 151 24.16 -17.81 2.64
C SER A 151 24.66 -16.82 1.60
N GLY A 152 23.93 -15.70 1.45
CA GLY A 152 24.19 -14.74 0.40
C GLY A 152 23.98 -15.22 -1.03
N LYS A 153 23.39 -16.40 -1.20
CA LYS A 153 22.98 -16.82 -2.54
C LYS A 153 21.77 -16.03 -3.07
N VAL A 154 21.57 -16.09 -4.38
CA VAL A 154 20.34 -15.61 -5.03
C VAL A 154 19.10 -16.48 -4.67
N VAL A 155 18.08 -15.88 -4.09
CA VAL A 155 16.91 -16.61 -3.61
C VAL A 155 15.66 -16.20 -4.41
N VAL A 156 14.98 -17.22 -4.96
CA VAL A 156 13.81 -17.04 -5.75
C VAL A 156 12.70 -17.77 -5.02
N SER A 157 11.65 -17.06 -4.57
CA SER A 157 10.55 -17.70 -3.85
C SER A 157 9.38 -18.00 -4.77
N VAL A 158 8.90 -19.24 -4.70
CA VAL A 158 7.69 -19.64 -5.39
C VAL A 158 6.45 -19.21 -4.59
N ASP A 159 5.63 -18.36 -5.21
CA ASP A 159 4.35 -17.81 -4.73
C ASP A 159 4.50 -16.78 -3.60
N VAL A 160 5.11 -17.18 -2.52
CA VAL A 160 5.28 -16.31 -1.39
C VAL A 160 6.56 -16.76 -0.68
N PRO A 161 7.40 -15.82 -0.28
CA PRO A 161 8.53 -16.30 0.55
C PRO A 161 8.00 -17.10 1.74
N SER A 162 8.57 -18.29 1.92
CA SER A 162 8.16 -19.22 2.94
C SER A 162 8.30 -18.59 4.27
N GLY A 163 7.20 -18.59 5.03
CA GLY A 163 7.18 -17.97 6.36
C GLY A 163 6.42 -16.67 6.42
N ILE A 164 6.08 -16.14 5.26
CA ILE A 164 5.18 -14.96 5.24
C ILE A 164 3.73 -15.42 5.19
N ASP A 165 2.91 -14.90 6.08
CA ASP A 165 1.47 -15.18 6.06
C ASP A 165 0.84 -14.32 4.95
N SER A 166 0.24 -15.00 3.99
CA SER A 166 -0.08 -14.40 2.73
C SER A 166 -1.29 -13.47 2.82
N ASN A 167 -2.04 -13.58 3.91
CA ASN A 167 -3.19 -12.78 4.15
C ASN A 167 -2.83 -11.57 4.99
N THR A 168 -1.71 -11.56 5.70
CA THR A 168 -1.37 -10.43 6.53
C THR A 168 0.03 -9.78 6.25
N GLY A 169 0.95 -10.53 5.69
CA GLY A 169 2.30 -10.07 5.50
C GLY A 169 3.14 -10.20 6.76
N LYS A 170 2.62 -10.83 7.81
CA LYS A 170 3.38 -11.07 9.04
C LYS A 170 4.36 -12.22 8.84
N VAL A 171 5.43 -12.15 9.60
CA VAL A 171 6.45 -13.21 9.64
C VAL A 171 6.10 -14.21 10.76
N LEU A 172 5.92 -15.48 10.37
CA LEU A 172 5.53 -16.56 11.30
C LEU A 172 6.82 -17.25 11.84
N ARG A 173 7.41 -16.61 12.85
CA ARG A 173 8.70 -16.92 13.44
C ARG A 173 9.92 -16.58 12.59
N THR A 174 10.01 -17.20 11.41
CA THR A 174 11.05 -16.83 10.50
C THR A 174 10.57 -17.01 9.05
N ALA A 175 11.21 -16.29 8.15
CA ALA A 175 10.80 -16.23 6.76
C ALA A 175 11.98 -16.04 5.89
N VAL A 176 11.84 -16.52 4.67
CA VAL A 176 12.87 -16.40 3.65
C VAL A 176 12.90 -14.98 3.17
N LYS A 177 14.08 -14.46 2.97
CA LYS A 177 14.24 -13.17 2.32
C LYS A 177 14.62 -13.46 0.87
N ALA A 178 13.74 -13.11 -0.05
CA ALA A 178 13.88 -13.43 -1.49
C ALA A 178 14.49 -12.24 -2.29
N ASP A 179 15.32 -12.49 -3.29
CA ASP A 179 15.61 -11.47 -4.33
C ASP A 179 14.47 -11.30 -5.32
N LEU A 180 13.76 -12.41 -5.59
CA LEU A 180 12.69 -12.47 -6.57
C LEU A 180 11.59 -13.37 -6.05
N THR A 181 10.36 -12.90 -6.14
CA THR A 181 9.23 -13.72 -5.86
C THR A 181 8.34 -13.74 -7.07
N VAL A 182 7.95 -14.95 -7.48
CA VAL A 182 6.98 -15.15 -8.55
C VAL A 182 5.65 -15.64 -7.99
N THR A 183 4.63 -14.80 -8.10
CA THR A 183 3.30 -15.15 -7.56
C THR A 183 2.30 -15.44 -8.68
N PHE A 184 1.24 -16.16 -8.39
CA PHE A 184 0.38 -16.65 -9.49
C PHE A 184 -0.97 -15.97 -9.48
N GLY A 185 -1.40 -15.45 -10.63
CA GLY A 185 -2.70 -14.82 -10.75
C GLY A 185 -2.79 -13.39 -10.20
N VAL A 186 -2.64 -13.23 -8.91
CA VAL A 186 -2.75 -11.89 -8.33
C VAL A 186 -1.71 -11.71 -7.25
N PRO A 187 -1.24 -10.50 -7.00
CA PRO A 187 -0.50 -10.28 -5.76
C PRO A 187 -1.35 -10.65 -4.53
N LYS A 188 -0.69 -11.17 -3.51
CA LYS A 188 -1.32 -11.48 -2.27
C LYS A 188 -1.08 -10.34 -1.29
N ILE A 189 -1.98 -10.22 -0.33
CA ILE A 189 -1.84 -9.12 0.65
C ILE A 189 -0.50 -9.16 1.34
N GLY A 190 0.01 -10.36 1.51
CA GLY A 190 1.30 -10.53 2.14
C GLY A 190 2.52 -10.06 1.38
N HIS A 191 2.42 -9.90 0.06
CA HIS A 191 3.42 -9.19 -0.75
C HIS A 191 3.31 -7.68 -0.65
N ILE A 192 2.19 -7.17 -0.15
CA ILE A 192 1.88 -5.74 -0.17
C ILE A 192 2.06 -5.04 1.17
N LEU A 193 1.73 -5.75 2.27
CA LEU A 193 1.98 -5.26 3.60
C LEU A 193 3.35 -5.72 4.15
N PHE A 194 3.89 -4.94 5.06
CA PHE A 194 5.22 -5.19 5.62
C PHE A 194 4.99 -5.99 6.88
N PRO A 195 5.94 -6.83 7.30
CA PRO A 195 7.26 -7.03 6.68
C PRO A 195 7.30 -7.83 5.41
N GLY A 196 6.21 -8.50 5.08
CA GLY A 196 6.22 -9.36 3.90
C GLY A 196 6.68 -8.69 2.61
N ARG A 197 6.30 -7.43 2.44
CA ARG A 197 6.59 -6.68 1.25
C ARG A 197 8.09 -6.60 1.09
N ASP A 198 8.78 -6.51 2.21
CA ASP A 198 10.22 -6.42 2.24
C ASP A 198 10.90 -7.76 1.92
N LEU A 199 10.34 -8.84 2.42
CA LEU A 199 10.95 -10.13 2.18
C LEU A 199 10.70 -10.65 0.78
N THR A 200 9.72 -10.10 0.09
CA THR A 200 9.32 -10.52 -1.25
C THR A 200 10.38 -10.15 -2.31
N GLY A 201 11.11 -9.05 -2.09
CA GLY A 201 12.07 -8.57 -3.07
C GLY A 201 11.32 -8.11 -4.30
N LYS A 202 11.86 -8.39 -5.48
CA LYS A 202 11.20 -8.02 -6.70
C LYS A 202 10.04 -9.00 -6.96
N LEU A 203 8.83 -8.49 -7.18
CA LEU A 203 7.67 -9.34 -7.37
C LEU A 203 7.21 -9.40 -8.82
N LYS A 204 7.08 -10.62 -9.38
CA LYS A 204 6.45 -10.81 -10.67
C LYS A 204 5.14 -11.58 -10.50
N VAL A 205 4.09 -11.10 -11.17
CA VAL A 205 2.77 -11.74 -11.13
C VAL A 205 2.57 -12.43 -12.47
N ALA A 206 2.49 -13.75 -12.41
CA ALA A 206 2.38 -14.59 -13.60
C ALA A 206 0.93 -14.98 -13.84
N ASN A 207 0.55 -14.93 -15.11
CA ASN A 207 -0.69 -15.46 -15.61
C ASN A 207 -0.45 -16.95 -15.82
N ILE A 208 -1.15 -17.80 -15.04
CA ILE A 208 -1.01 -19.26 -15.20
C ILE A 208 -2.24 -19.96 -15.82
N GLY A 209 -3.17 -19.18 -16.35
CA GLY A 209 -4.29 -19.70 -17.11
C GLY A 209 -5.66 -19.51 -16.47
N HIS A 210 -5.75 -18.88 -15.31
CA HIS A 210 -7.09 -18.57 -14.72
C HIS A 210 -7.93 -17.73 -15.66
N PRO A 211 -9.23 -17.95 -15.69
CA PRO A 211 -10.03 -17.05 -16.53
C PRO A 211 -9.91 -15.62 -16.03
N VAL A 212 -9.75 -14.68 -16.93
CA VAL A 212 -9.55 -13.28 -16.60
C VAL A 212 -10.69 -12.70 -15.74
N HIS A 213 -11.93 -13.09 -16.02
CA HIS A 213 -13.11 -12.76 -15.21
C HIS A 213 -12.90 -13.05 -13.73
N LEU A 214 -12.29 -14.18 -13.40
CA LEU A 214 -12.05 -14.46 -11.99
C LEU A 214 -10.94 -13.61 -11.39
N ILE A 215 -9.87 -13.36 -12.15
CA ILE A 215 -8.73 -12.55 -11.70
C ILE A 215 -9.22 -11.17 -11.37
N ASN A 216 -10.15 -10.67 -12.19
CA ASN A 216 -10.71 -9.34 -12.04
C ASN A 216 -11.69 -9.17 -10.90
N SER A 217 -12.26 -10.26 -10.43
CA SER A 217 -13.29 -10.17 -9.40
C SER A 217 -12.71 -9.88 -8.00
N ILE A 218 -11.39 -9.84 -7.91
CA ILE A 218 -10.67 -9.70 -6.66
C ILE A 218 -10.88 -8.31 -6.06
N ASN A 219 -11.36 -8.22 -4.83
CA ASN A 219 -11.94 -6.96 -4.32
C ASN A 219 -10.99 -6.02 -3.58
N ARG A 220 -9.74 -6.46 -3.39
CA ARG A 220 -8.69 -5.64 -2.80
C ARG A 220 -7.51 -5.51 -3.78
N TYR A 221 -7.07 -4.28 -4.05
CA TYR A 221 -6.12 -4.03 -5.15
C TYR A 221 -5.01 -3.06 -4.80
N VAL A 222 -3.94 -3.18 -5.57
CA VAL A 222 -2.85 -2.26 -5.62
C VAL A 222 -3.19 -1.09 -6.54
N ILE A 223 -2.98 0.13 -6.05
CA ILE A 223 -3.22 1.33 -6.85
C ILE A 223 -2.09 1.37 -7.88
N THR A 224 -2.46 1.30 -9.16
CA THR A 224 -1.48 1.36 -10.26
C THR A 224 -1.50 2.67 -11.04
N ARG A 225 -0.44 2.83 -11.81
CA ARG A 225 -0.27 3.98 -12.65
C ARG A 225 -1.47 4.17 -13.56
N GLU A 226 -1.97 3.08 -14.13
CA GLU A 226 -3.06 3.15 -15.10
C GLU A 226 -4.34 3.57 -14.45
N MET A 227 -4.62 3.03 -13.30
CA MET A 227 -5.82 3.42 -12.59
C MET A 227 -5.77 4.94 -12.18
N VAL A 228 -4.61 5.43 -11.79
CA VAL A 228 -4.50 6.84 -11.42
C VAL A 228 -4.63 7.72 -12.66
N ARG A 229 -4.06 7.28 -13.79
CA ARG A 229 -4.13 8.04 -15.03
C ARG A 229 -5.56 8.23 -15.45
N SER A 230 -6.38 7.22 -15.29
CA SER A 230 -7.74 7.36 -15.76
C SER A 230 -8.68 8.03 -14.75
N LEU A 231 -8.23 8.27 -13.51
CA LEU A 231 -9.01 9.03 -12.53
C LEU A 231 -8.65 10.54 -12.55
N LEU A 232 -7.50 10.90 -13.08
CA LEU A 232 -7.08 12.30 -13.08
C LEU A 232 -8.13 13.16 -13.72
N PRO A 233 -8.59 14.22 -13.04
CA PRO A 233 -9.63 15.05 -13.69
C PRO A 233 -9.21 15.74 -14.99
N GLU A 234 -10.18 15.98 -15.86
CA GLU A 234 -9.94 16.65 -17.15
C GLU A 234 -9.68 18.14 -16.94
N ARG A 235 -8.85 18.70 -17.83
CA ARG A 235 -8.58 20.14 -17.84
C ARG A 235 -9.07 20.73 -19.16
N PRO A 236 -10.39 20.93 -19.29
CA PRO A 236 -10.85 21.52 -20.56
C PRO A 236 -10.27 22.90 -20.77
N ARG A 237 -9.96 23.20 -22.03
CA ARG A 237 -9.31 24.47 -22.35
C ARG A 237 -10.14 25.66 -21.98
N ASP A 238 -11.44 25.62 -22.25
CA ASP A 238 -12.29 26.72 -21.92
C ASP A 238 -12.72 26.55 -20.44
N SER A 239 -11.89 27.02 -19.53
CA SER A 239 -12.21 26.82 -18.12
C SER A 239 -11.71 28.05 -17.35
N HIS A 240 -11.99 28.08 -16.06
CA HIS A 240 -11.53 29.20 -15.26
C HIS A 240 -11.43 28.65 -13.87
N LYS A 241 -11.02 29.47 -12.93
CA LYS A 241 -10.69 28.96 -11.62
C LYS A 241 -11.87 28.28 -10.95
N GLY A 242 -13.08 28.76 -11.19
CA GLY A 242 -14.29 28.12 -10.64
C GLY A 242 -14.52 26.69 -11.16
N THR A 243 -14.08 26.42 -12.40
CA THR A 243 -14.09 25.09 -12.92
C THR A 243 -13.41 24.10 -11.99
N TYR A 244 -12.32 24.54 -11.35
CA TYR A 244 -11.46 23.66 -10.59
C TYR A 244 -11.69 23.72 -9.05
N GLY A 245 -12.82 24.30 -8.63
CA GLY A 245 -13.25 24.27 -7.25
C GLY A 245 -12.49 25.13 -6.25
N LYS A 246 -13.08 25.22 -5.05
CA LYS A 246 -12.64 26.04 -3.96
C LYS A 246 -12.47 25.20 -2.69
N VAL A 247 -11.34 25.32 -2.01
CA VAL A 247 -11.09 24.66 -0.78
C VAL A 247 -10.97 25.67 0.35
N LEU A 248 -11.44 25.30 1.53
CA LEU A 248 -11.14 26.05 2.74
C LEU A 248 -10.37 25.10 3.61
N ILE A 249 -9.26 25.54 4.17
CA ILE A 249 -8.50 24.78 5.12
C ILE A 249 -8.51 25.48 6.46
N ILE A 250 -9.04 24.80 7.47
CA ILE A 250 -9.11 25.34 8.82
C ILE A 250 -7.99 24.65 9.59
N ALA A 251 -6.95 25.38 9.94
CA ALA A 251 -5.73 24.76 10.38
C ALA A 251 -4.93 25.74 11.22
N GLY A 252 -3.93 25.22 11.93
CA GLY A 252 -3.00 26.04 12.62
C GLY A 252 -3.38 26.55 13.98
N SER A 253 -2.38 27.15 14.62
CA SER A 253 -2.45 27.62 15.95
C SER A 253 -1.17 28.36 16.26
N ARG A 254 -1.14 28.97 17.45
CA ARG A 254 0.06 29.61 17.97
C ARG A 254 1.24 28.61 18.06
N LEU A 255 1.01 27.29 18.19
CA LEU A 255 2.11 26.34 18.26
C LEU A 255 2.51 25.85 16.88
N TYR A 256 1.56 25.77 15.97
CA TYR A 256 1.84 25.16 14.67
C TYR A 256 1.44 26.10 13.55
N SER A 257 2.29 27.09 13.27
CA SER A 257 1.99 28.07 12.23
C SER A 257 2.35 27.61 10.81
N GLY A 258 3.16 26.57 10.62
CA GLY A 258 3.51 26.10 9.25
C GLY A 258 2.58 25.06 8.61
N ALA A 259 1.97 24.20 9.41
CA ALA A 259 1.08 23.16 8.86
C ALA A 259 0.07 23.65 7.82
N PRO A 260 -0.63 24.77 8.12
CA PRO A 260 -1.60 25.30 7.14
C PRO A 260 -1.05 25.59 5.73
N VAL A 261 0.16 26.11 5.68
CA VAL A 261 0.86 26.45 4.44
C VAL A 261 1.07 25.19 3.65
N LEU A 262 1.51 24.14 4.32
CA LEU A 262 1.75 22.86 3.64
C LEU A 262 0.49 22.27 3.07
N SER A 263 -0.60 22.33 3.83
CA SER A 263 -1.89 21.82 3.32
C SER A 263 -2.44 22.66 2.16
N GLY A 264 -2.37 23.99 2.28
CA GLY A 264 -2.87 24.89 1.23
C GLY A 264 -2.13 24.72 -0.09
N MET A 265 -0.80 24.70 -0.05
CA MET A 265 -0.04 24.42 -1.25
C MET A 265 -0.27 23.02 -1.78
N GLY A 266 -0.54 22.07 -0.90
CA GLY A 266 -0.95 20.75 -1.42
C GLY A 266 -2.19 20.84 -2.32
N SER A 267 -3.20 21.58 -1.90
CA SER A 267 -4.36 21.79 -2.76
C SER A 267 -4.00 22.52 -4.04
N LEU A 268 -3.20 23.58 -3.96
CA LEU A 268 -2.92 24.35 -5.17
C LEU A 268 -2.11 23.57 -6.17
N LYS A 269 -1.16 22.80 -5.70
CA LYS A 269 -0.26 22.07 -6.58
C LYS A 269 -0.93 20.89 -7.34
N VAL A 270 -2.11 20.41 -6.92
CA VAL A 270 -2.79 19.33 -7.65
C VAL A 270 -3.81 19.95 -8.63
N GLY A 271 -3.97 21.28 -8.63
CA GLY A 271 -4.75 21.95 -9.69
C GLY A 271 -6.04 22.62 -9.23
N THR A 272 -6.19 22.82 -7.94
CA THR A 272 -7.38 23.48 -7.38
C THR A 272 -7.46 24.92 -7.77
N GLY A 273 -8.67 25.41 -7.98
CA GLY A 273 -8.84 26.78 -8.44
C GLY A 273 -8.55 27.88 -7.42
N LEU A 274 -9.00 27.67 -6.22
CA LEU A 274 -8.89 28.74 -5.20
C LEU A 274 -8.77 28.06 -3.85
N VAL A 275 -7.74 28.44 -3.08
CA VAL A 275 -7.54 27.93 -1.73
C VAL A 275 -7.46 29.05 -0.71
N LYS A 276 -8.27 28.92 0.33
CA LYS A 276 -8.29 29.83 1.46
C LYS A 276 -7.97 29.06 2.70
N LEU A 277 -7.16 29.65 3.57
CA LEU A 277 -6.84 29.07 4.87
C LEU A 277 -7.53 29.97 5.92
N ALA A 278 -7.95 29.39 7.02
CA ALA A 278 -8.47 30.15 8.16
C ALA A 278 -7.53 29.68 9.27
N VAL A 279 -6.71 30.60 9.74
CA VAL A 279 -5.63 30.40 10.68
C VAL A 279 -5.65 31.57 11.69
N PRO A 280 -5.41 31.28 12.98
CA PRO A 280 -5.35 32.31 13.99
C PRO A 280 -4.32 33.38 13.68
N PHE A 281 -4.74 34.62 13.87
CA PHE A 281 -3.91 35.82 13.71
C PHE A 281 -2.90 35.80 14.83
N PRO A 282 -1.62 36.19 14.57
CA PRO A 282 -0.96 36.62 13.34
C PRO A 282 -0.34 35.47 12.59
N GLN A 283 -0.61 34.24 12.99
CA GLN A 283 0.04 33.09 12.36
C GLN A 283 -0.41 32.94 10.94
N ASN A 284 -1.58 33.48 10.61
CA ASN A 284 -2.06 33.43 9.25
C ASN A 284 -1.14 34.15 8.28
N LEU A 285 -0.42 35.16 8.77
CA LEU A 285 0.51 35.91 7.92
C LEU A 285 1.73 35.13 7.39
N ILE A 286 2.11 34.07 8.07
CA ILE A 286 3.23 33.25 7.73
C ILE A 286 3.03 32.65 6.34
N ALA A 287 1.79 32.25 6.05
CA ALA A 287 1.49 31.52 4.82
C ALA A 287 1.71 32.37 3.58
N THR A 288 1.25 33.61 3.59
CA THR A 288 1.41 34.46 2.44
C THR A 288 2.79 35.06 2.39
N SER A 289 3.56 35.03 3.47
CA SER A 289 4.94 35.48 3.34
C SER A 289 5.76 34.46 2.59
N ARG A 290 5.34 33.21 2.60
CA ARG A 290 6.06 32.18 1.85
C ARG A 290 5.43 31.92 0.45
N PHE A 291 4.11 31.88 0.43
CA PHE A 291 3.33 31.64 -0.73
C PHE A 291 2.21 32.66 -0.86
N PRO A 292 2.46 33.76 -1.57
CA PRO A 292 1.49 34.84 -1.65
C PRO A 292 0.28 34.54 -2.51
N GLU A 293 0.34 33.47 -3.29
CA GLU A 293 -0.84 32.97 -4.01
C GLU A 293 -1.88 32.37 -3.11
N LEU A 294 -1.52 32.01 -1.87
CA LEU A 294 -2.51 31.56 -0.91
C LEU A 294 -3.33 32.74 -0.34
N ILE A 295 -4.58 32.49 -0.02
CA ILE A 295 -5.40 33.42 0.78
C ILE A 295 -5.39 32.89 2.19
N SER A 296 -5.05 33.72 3.16
CA SER A 296 -4.95 33.25 4.52
C SER A 296 -5.72 34.19 5.44
N VAL A 297 -6.88 33.74 5.88
CA VAL A 297 -7.83 34.64 6.57
C VAL A 297 -7.47 34.67 8.07
N PRO A 298 -7.38 35.87 8.67
CA PRO A 298 -6.99 35.92 10.07
C PRO A 298 -8.18 35.59 10.96
N ILE A 299 -7.98 34.70 11.92
CA ILE A 299 -9.06 34.38 12.85
C ILE A 299 -8.62 34.91 14.20
N ASP A 300 -9.49 35.74 14.76
CA ASP A 300 -9.29 36.34 16.06
C ASP A 300 -9.61 35.30 17.09
N THR A 301 -8.60 34.77 17.75
CA THR A 301 -8.87 33.82 18.81
C THR A 301 -8.47 34.43 20.14
N GLU A 302 -8.83 33.80 21.25
CA GLU A 302 -8.51 34.36 22.58
C GLU A 302 -7.07 34.02 23.01
N LYS A 303 -6.67 32.76 22.81
CA LYS A 303 -5.43 32.24 23.35
C LYS A 303 -4.53 31.66 22.29
N GLY A 304 -4.86 31.79 21.00
CA GLY A 304 -4.02 31.23 19.91
C GLY A 304 -4.55 29.95 19.33
N PHE A 305 -5.74 29.55 19.79
CA PHE A 305 -6.38 28.34 19.31
C PHE A 305 -7.83 28.60 18.93
N PHE A 306 -8.29 27.87 17.93
CA PHE A 306 -9.70 27.91 17.57
C PHE A 306 -10.59 27.45 18.73
N SER A 307 -11.78 28.02 18.84
CA SER A 307 -12.70 27.62 19.91
C SER A 307 -14.11 27.90 19.44
N LEU A 308 -15.08 27.68 20.31
CA LEU A 308 -16.46 27.96 19.96
C LEU A 308 -16.71 29.38 19.46
N GLN A 309 -15.91 30.36 19.90
CA GLN A 309 -16.19 31.74 19.47
C GLN A 309 -15.92 31.93 17.97
N ASN A 310 -15.25 30.97 17.36
CA ASN A 310 -14.95 31.00 15.96
C ASN A 310 -15.87 30.17 15.10
N LEU A 311 -16.87 29.56 15.70
CA LEU A 311 -17.74 28.64 14.96
C LEU A 311 -18.47 29.36 13.82
N GLN A 312 -19.01 30.53 14.14
CA GLN A 312 -19.88 31.17 13.19
C GLN A 312 -19.08 31.69 12.03
N GLU A 313 -17.94 32.29 12.32
CA GLU A 313 -17.15 32.79 11.24
C GLU A 313 -16.72 31.63 10.26
N CYS A 314 -16.41 30.45 10.78
CA CYS A 314 -15.87 29.40 9.94
C CYS A 314 -16.99 28.75 9.13
N LEU A 315 -18.20 28.68 9.71
CA LEU A 315 -19.33 28.18 8.95
C LEU A 315 -19.65 29.16 7.82
N GLU A 316 -19.54 30.46 8.06
CA GLU A 316 -19.69 31.43 6.99
C GLU A 316 -18.67 31.24 5.85
N LEU A 317 -17.40 31.09 6.19
CA LEU A 317 -16.37 30.88 5.18
C LEU A 317 -16.66 29.62 4.39
N SER A 318 -17.21 28.60 5.07
CA SER A 318 -17.59 27.34 4.44
C SER A 318 -18.66 27.41 3.36
N LYS A 319 -19.57 28.37 3.41
CA LYS A 319 -20.60 28.47 2.37
C LYS A 319 -20.08 28.65 0.95
N ASP A 320 -18.95 29.30 0.77
CA ASP A 320 -18.45 29.62 -0.55
C ASP A 320 -17.41 28.67 -1.09
N VAL A 321 -17.27 27.48 -0.49
CA VAL A 321 -16.27 26.51 -0.90
C VAL A 321 -16.92 25.19 -1.22
N ASP A 322 -16.16 24.33 -1.88
CA ASP A 322 -16.65 22.98 -2.23
C ASP A 322 -16.28 21.87 -1.22
N VAL A 323 -15.16 22.03 -0.50
CA VAL A 323 -14.68 21.03 0.46
C VAL A 323 -13.97 21.84 1.54
N VAL A 324 -13.97 21.31 2.74
CA VAL A 324 -13.25 21.90 3.83
C VAL A 324 -12.30 20.83 4.35
N ALA A 325 -10.99 21.13 4.42
CA ALA A 325 -10.01 20.32 5.21
C ALA A 325 -9.85 20.96 6.60
N ILE A 326 -9.79 20.14 7.63
CA ILE A 326 -9.61 20.58 8.98
C ILE A 326 -8.67 19.67 9.78
N GLY A 327 -7.79 20.27 10.60
CA GLY A 327 -7.01 19.56 11.62
C GLY A 327 -5.53 19.82 11.68
N PRO A 328 -4.87 20.07 10.54
CA PRO A 328 -3.43 20.23 10.61
C PRO A 328 -3.05 21.39 11.51
N GLY A 329 -2.27 21.04 12.51
CA GLY A 329 -1.71 22.00 13.40
C GLY A 329 -2.74 22.69 14.29
N LEU A 330 -3.90 22.10 14.48
CA LEU A 330 -4.90 22.80 15.39
C LEU A 330 -4.57 22.85 16.88
N GLY A 331 -3.83 21.87 17.35
CA GLY A 331 -3.71 21.66 18.80
C GLY A 331 -4.84 20.75 19.30
N ASN A 332 -4.57 20.08 20.39
CA ASN A 332 -5.43 19.09 21.01
C ASN A 332 -5.73 19.58 22.42
N ASN A 333 -6.75 20.39 22.59
CA ASN A 333 -7.21 20.82 23.93
C ASN A 333 -8.75 20.91 23.92
N GLU A 334 -9.34 21.29 25.04
CA GLU A 334 -10.79 21.22 25.16
C GLU A 334 -11.52 22.13 24.20
N HIS A 335 -11.10 23.38 24.13
CA HIS A 335 -11.69 24.36 23.21
C HIS A 335 -11.60 23.97 21.74
N VAL A 336 -10.49 23.39 21.32
CA VAL A 336 -10.40 22.81 19.97
C VAL A 336 -11.39 21.65 19.82
N ARG A 337 -11.47 20.77 20.80
CA ARG A 337 -12.41 19.63 20.73
C ARG A 337 -13.87 20.11 20.54
N GLU A 338 -14.33 21.04 21.38
CA GLU A 338 -15.66 21.64 21.28
C GLU A 338 -15.89 22.24 19.87
N PHE A 339 -14.98 23.10 19.45
CA PHE A 339 -15.07 23.69 18.12
C PHE A 339 -15.12 22.65 16.99
N VAL A 340 -14.22 21.68 16.98
CA VAL A 340 -14.14 20.76 15.84
C VAL A 340 -15.45 19.95 15.71
N ASN A 341 -15.96 19.49 16.84
CA ASN A 341 -17.17 18.65 16.87
C ASN A 341 -18.44 19.41 16.52
N GLU A 342 -18.67 20.59 17.11
CA GLU A 342 -19.77 21.44 16.64
C GLU A 342 -19.66 21.87 15.15
N PHE A 343 -18.46 22.24 14.68
CA PHE A 343 -18.30 22.57 13.27
C PHE A 343 -18.72 21.42 12.37
N LEU A 344 -18.10 20.28 12.56
CA LEU A 344 -18.37 19.12 11.70
C LEU A 344 -19.85 18.64 11.75
N LYS A 345 -20.47 18.83 12.89
CA LYS A 345 -21.86 18.47 13.08
C LYS A 345 -22.74 19.38 12.19
N THR A 346 -22.31 20.61 12.01
CA THR A 346 -23.11 21.55 11.28
C THR A 346 -22.66 21.73 9.82
N LEU A 347 -21.44 21.43 9.52
CA LEU A 347 -20.94 21.65 8.15
C LEU A 347 -21.65 20.73 7.14
N GLU A 348 -22.31 21.29 6.13
CA GLU A 348 -22.93 20.46 5.11
C GLU A 348 -22.12 20.51 3.79
N LYS A 349 -20.83 20.20 3.93
CA LYS A 349 -19.87 20.07 2.85
C LYS A 349 -19.03 18.84 3.13
N PRO A 350 -18.45 18.23 2.09
CA PRO A 350 -17.42 17.23 2.27
C PRO A 350 -16.29 17.76 3.11
N ALA A 351 -15.78 16.92 4.02
CA ALA A 351 -14.81 17.28 5.02
C ALA A 351 -13.63 16.33 4.89
N VAL A 352 -12.42 16.86 4.92
CA VAL A 352 -11.23 16.04 5.06
C VAL A 352 -10.68 16.30 6.44
N ILE A 353 -10.58 15.25 7.25
CA ILE A 353 -10.37 15.37 8.68
C ILE A 353 -9.03 14.70 8.93
N ASP A 354 -8.07 15.50 9.41
CA ASP A 354 -6.68 15.08 9.66
C ASP A 354 -6.18 15.47 11.07
N ALA A 355 -5.11 14.83 11.49
CA ALA A 355 -4.25 15.32 12.53
C ALA A 355 -5.01 15.60 13.79
N ASP A 356 -4.81 16.77 14.37
CA ASP A 356 -5.51 17.13 15.62
C ASP A 356 -7.04 17.20 15.55
N ALA A 357 -7.67 17.37 14.36
CA ALA A 357 -9.11 17.24 14.30
C ALA A 357 -9.50 15.76 14.55
N ILE A 358 -8.67 14.80 14.10
CA ILE A 358 -8.89 13.40 14.43
C ILE A 358 -8.67 13.15 15.94
N ASN A 359 -7.61 13.68 16.53
CA ASN A 359 -7.37 13.47 17.97
C ASN A 359 -8.45 13.94 18.91
N VAL A 360 -9.33 14.85 18.47
CA VAL A 360 -10.40 15.33 19.34
C VAL A 360 -11.79 14.91 18.84
N LEU A 361 -11.82 14.13 17.78
CA LEU A 361 -13.03 13.84 17.09
C LEU A 361 -13.90 12.95 17.97
N ASP A 362 -15.19 13.28 17.98
CA ASP A 362 -16.21 12.37 18.52
C ASP A 362 -16.82 11.61 17.34
N THR A 363 -16.68 10.31 17.32
CA THR A 363 -17.01 9.57 16.11
C THR A 363 -18.53 9.48 15.88
N SER A 364 -19.32 9.71 16.92
CA SER A 364 -20.79 9.91 16.78
C SER A 364 -21.14 11.01 15.77
N VAL A 365 -20.32 12.05 15.75
CA VAL A 365 -20.47 13.10 14.78
C VAL A 365 -20.39 12.62 13.32
N LEU A 366 -19.51 11.69 13.00
CA LEU A 366 -19.45 11.16 11.63
C LEU A 366 -20.67 10.42 11.20
N LYS A 367 -21.28 9.70 12.16
CA LYS A 367 -22.47 8.92 11.87
C LYS A 367 -23.62 9.85 11.52
N GLU A 368 -23.81 10.91 12.31
CA GLU A 368 -24.97 11.79 12.10
C GLU A 368 -24.80 12.76 10.92
N ARG A 369 -23.64 12.76 10.26
CA ARG A 369 -23.40 13.69 9.17
C ARG A 369 -23.96 13.16 7.87
N LYS A 370 -24.64 14.04 7.11
CA LYS A 370 -25.14 13.70 5.73
C LYS A 370 -24.05 13.80 4.67
N SER A 371 -23.23 14.85 4.77
CA SER A 371 -22.12 15.03 3.85
C SER A 371 -21.00 14.01 4.08
N PRO A 372 -20.20 13.73 3.03
CA PRO A 372 -19.12 12.76 3.12
C PRO A 372 -17.89 13.23 3.92
N ALA A 373 -16.99 12.32 4.23
CA ALA A 373 -15.79 12.67 4.96
C ALA A 373 -14.71 11.71 4.60
N VAL A 374 -13.47 12.21 4.54
CA VAL A 374 -12.28 11.38 4.49
C VAL A 374 -11.45 11.64 5.76
N LEU A 375 -11.06 10.60 6.48
CA LEU A 375 -10.12 10.70 7.62
C LEU A 375 -8.80 10.15 7.19
N THR A 376 -7.73 10.84 7.57
CA THR A 376 -6.38 10.49 7.19
C THR A 376 -5.50 10.31 8.40
N PRO A 377 -5.76 9.31 9.24
CA PRO A 377 -4.82 9.10 10.33
C PRO A 377 -3.52 8.34 9.98
N HIS A 378 -2.46 8.64 10.73
CA HIS A 378 -1.39 7.65 10.90
C HIS A 378 -1.79 6.69 12.03
N PRO A 379 -1.07 5.58 12.15
CA PRO A 379 -1.48 4.56 13.08
C PRO A 379 -1.50 5.02 14.56
N GLY A 380 -0.66 5.98 14.93
CA GLY A 380 -0.71 6.51 16.31
C GLY A 380 -2.06 7.22 16.53
N GLU A 381 -2.50 7.98 15.53
CA GLU A 381 -3.82 8.67 15.65
C GLU A 381 -5.00 7.69 15.57
N MET A 382 -4.93 6.74 14.65
CA MET A 382 -5.97 5.69 14.57
C MET A 382 -6.13 4.89 15.87
N ALA A 383 -4.99 4.51 16.45
CA ALA A 383 -4.94 3.85 17.74
C ALA A 383 -5.75 4.66 18.75
N ARG A 384 -5.50 5.96 18.88
CA ARG A 384 -6.22 6.76 19.91
C ARG A 384 -7.70 6.88 19.62
N LEU A 385 -8.04 6.95 18.33
CA LEU A 385 -9.39 7.16 17.90
C LEU A 385 -10.32 5.96 18.24
N VAL A 386 -9.85 4.74 17.97
CA VAL A 386 -10.64 3.53 18.25
C VAL A 386 -10.20 2.86 19.55
N LYS A 387 -9.26 3.44 20.29
CA LYS A 387 -8.90 2.94 21.64
C LYS A 387 -8.21 1.56 21.64
N LYS A 388 -7.30 1.38 20.68
CA LYS A 388 -6.47 0.18 20.59
C LYS A 388 -4.96 0.55 20.60
N THR A 389 -4.10 -0.45 20.61
CA THR A 389 -2.69 -0.17 20.52
C THR A 389 -2.31 0.06 19.07
N VAL A 390 -1.23 0.81 18.86
CA VAL A 390 -0.64 1.03 17.59
C VAL A 390 -0.42 -0.27 16.86
N GLY A 391 0.12 -1.28 17.53
CA GLY A 391 0.40 -2.60 16.93
C GLY A 391 -0.87 -3.40 16.55
N ASP A 392 -1.99 -3.12 17.19
CA ASP A 392 -3.24 -3.75 16.80
C ASP A 392 -3.85 -3.09 15.53
N VAL A 393 -3.57 -1.83 15.28
CA VAL A 393 -4.21 -1.17 14.14
C VAL A 393 -3.29 -1.15 12.90
N LYS A 394 -1.98 -1.23 13.12
CA LYS A 394 -1.07 -1.07 12.01
C LYS A 394 -1.22 -2.15 10.93
N TYR A 395 -1.35 -1.72 9.68
CA TYR A 395 -1.68 -2.65 8.60
C TYR A 395 -2.94 -3.51 8.80
N ASN A 396 -3.86 -3.07 9.67
CA ASN A 396 -5.05 -3.89 9.96
C ASN A 396 -6.17 -3.49 9.01
N TYR A 397 -6.16 -4.08 7.81
CA TYR A 397 -7.06 -3.61 6.77
C TYR A 397 -8.49 -3.98 7.11
N GLU A 398 -8.74 -5.09 7.80
CA GLU A 398 -10.12 -5.41 8.18
C GLU A 398 -10.67 -4.42 9.22
N LEU A 399 -9.84 -3.98 10.14
CA LEU A 399 -10.29 -2.99 11.08
C LEU A 399 -10.62 -1.68 10.36
N ALA A 400 -9.74 -1.27 9.46
CA ALA A 400 -10.04 -0.10 8.66
C ALA A 400 -11.35 -0.26 7.87
N GLU A 401 -11.56 -1.41 7.21
CA GLU A 401 -12.80 -1.62 6.45
C GLU A 401 -14.03 -1.45 7.31
N GLU A 402 -13.96 -2.01 8.53
CA GLU A 402 -15.09 -1.97 9.45
C GLU A 402 -15.36 -0.57 9.98
N PHE A 403 -14.29 0.18 10.21
CA PHE A 403 -14.45 1.53 10.70
C PHE A 403 -15.07 2.42 9.59
N ALA A 404 -14.56 2.30 8.35
CA ALA A 404 -15.12 3.07 7.25
C ALA A 404 -16.62 2.79 7.06
N LYS A 405 -16.97 1.50 6.98
CA LYS A 405 -18.35 1.04 6.82
C LYS A 405 -19.28 1.57 7.94
N GLU A 406 -18.86 1.45 9.19
CA GLU A 406 -19.66 1.88 10.35
C GLU A 406 -19.85 3.36 10.43
N ASN A 407 -18.86 4.12 9.98
CA ASN A 407 -18.91 5.56 10.13
C ASN A 407 -19.22 6.29 8.83
N ASP A 408 -19.54 5.52 7.79
CA ASP A 408 -19.86 6.07 6.44
C ASP A 408 -18.80 7.00 5.90
N CYS A 409 -17.54 6.61 6.01
CA CYS A 409 -16.46 7.48 5.55
C CYS A 409 -15.45 6.74 4.68
N VAL A 410 -14.45 7.50 4.23
CA VAL A 410 -13.26 6.97 3.59
C VAL A 410 -12.16 7.11 4.62
N LEU A 411 -11.42 6.03 4.80
CA LEU A 411 -10.33 5.97 5.74
C LEU A 411 -9.06 5.72 4.96
N VAL A 412 -8.12 6.61 5.20
CA VAL A 412 -6.81 6.60 4.61
C VAL A 412 -5.87 6.43 5.78
N LEU A 413 -5.41 5.20 5.98
CA LEU A 413 -4.51 4.85 7.08
C LEU A 413 -3.09 4.79 6.57
N LYS A 414 -2.33 5.85 6.91
CA LYS A 414 -1.03 6.12 6.27
C LYS A 414 0.09 5.25 6.88
N SER A 415 0.98 4.70 6.06
CA SER A 415 2.10 3.93 6.53
C SER A 415 2.89 3.68 5.23
N ALA A 416 3.95 2.89 5.28
CA ALA A 416 4.80 2.70 4.09
C ALA A 416 3.94 2.11 2.98
N THR A 417 3.05 1.21 3.35
CA THR A 417 1.92 0.87 2.51
C THR A 417 0.72 1.48 3.12
N THR A 418 0.02 2.30 2.33
CA THR A 418 -1.15 3.00 2.82
C THR A 418 -2.40 2.30 2.35
N ILE A 419 -3.38 2.23 3.24
CA ILE A 419 -4.65 1.58 2.98
C ILE A 419 -5.70 2.63 2.81
N VAL A 420 -6.45 2.54 1.75
CA VAL A 420 -7.53 3.47 1.42
C VAL A 420 -8.75 2.62 1.32
N THR A 421 -9.78 2.87 2.11
CA THR A 421 -10.99 2.05 1.99
C THR A 421 -12.24 2.83 2.34
N ASP A 422 -13.33 2.54 1.65
CA ASP A 422 -14.64 3.02 2.09
C ASP A 422 -15.52 1.95 2.75
N GLY A 423 -14.94 0.79 3.11
CA GLY A 423 -15.69 -0.37 3.64
C GLY A 423 -16.10 -1.43 2.61
N GLU A 424 -16.16 -1.07 1.32
CA GLU A 424 -16.57 -2.01 0.27
C GLU A 424 -15.35 -2.32 -0.58
N LYS A 425 -14.66 -1.27 -1.01
CA LYS A 425 -13.48 -1.36 -1.82
C LYS A 425 -12.31 -0.90 -0.96
N THR A 426 -11.24 -1.67 -0.97
CA THR A 426 -10.01 -1.35 -0.29
C THR A 426 -8.87 -1.40 -1.30
N LEU A 427 -8.10 -0.30 -1.33
CA LEU A 427 -6.90 -0.17 -2.17
C LEU A 427 -5.62 0.02 -1.35
N PHE A 428 -4.51 -0.50 -1.87
CA PHE A 428 -3.19 -0.41 -1.23
C PHE A 428 -2.24 0.41 -2.09
N ASN A 429 -1.61 1.38 -1.47
CA ASN A 429 -0.62 2.23 -2.14
C ASN A 429 0.80 1.82 -1.75
N ILE A 430 1.62 1.51 -2.75
CA ILE A 430 3.02 1.17 -2.54
C ILE A 430 4.05 2.19 -3.13
N THR A 431 3.64 3.40 -3.55
CA THR A 431 4.62 4.42 -4.01
C THR A 431 5.15 5.15 -2.78
N GLY A 432 6.29 5.79 -2.88
CA GLY A 432 6.88 6.44 -1.72
C GLY A 432 8.21 5.91 -1.28
N ASN A 433 8.82 6.61 -0.33
CA ASN A 433 10.05 6.14 0.29
C ASN A 433 10.13 6.75 1.68
N THR A 434 11.23 6.50 2.40
CA THR A 434 11.29 7.03 3.77
C THR A 434 11.42 8.57 3.89
N GLY A 435 11.48 9.28 2.77
CA GLY A 435 11.49 10.74 2.88
C GLY A 435 10.17 11.30 3.40
N LEU A 436 9.11 10.51 3.27
CA LEU A 436 7.82 10.88 3.78
C LEU A 436 7.62 10.63 5.28
N SER A 437 8.58 9.92 5.90
CA SER A 437 8.59 9.67 7.32
C SER A 437 9.15 10.84 8.09
N LYS A 438 8.47 11.96 7.95
CA LYS A 438 8.96 13.22 8.45
C LYS A 438 7.76 14.19 8.53
N GLY A 439 7.73 14.94 9.61
CA GLY A 439 6.57 15.73 9.92
C GLY A 439 6.33 16.72 8.79
N GLY A 440 5.08 16.92 8.44
CA GLY A 440 4.79 17.85 7.35
C GLY A 440 4.28 17.08 6.15
N SER A 441 4.77 15.87 5.93
CA SER A 441 4.40 15.15 4.71
C SER A 441 2.87 14.81 4.72
N GLY A 442 2.32 14.51 5.88
CA GLY A 442 0.88 14.28 6.02
C GLY A 442 0.05 15.54 5.78
N ASP A 443 0.55 16.67 6.23
CA ASP A 443 -0.17 17.92 6.05
C ASP A 443 -0.32 18.26 4.52
N VAL A 444 0.70 17.94 3.73
CA VAL A 444 0.62 18.05 2.30
C VAL A 444 -0.47 17.15 1.76
N LEU A 445 -0.46 15.88 2.15
CA LEU A 445 -1.44 14.94 1.56
C LEU A 445 -2.90 15.39 1.84
N THR A 446 -3.15 15.89 3.01
CA THR A 446 -4.49 16.39 3.31
C THR A 446 -5.05 17.43 2.33
N GLY A 447 -4.21 18.43 2.01
CA GLY A 447 -4.54 19.40 0.96
C GLY A 447 -4.70 18.77 -0.43
N MET A 448 -3.87 17.78 -0.75
CA MET A 448 -4.02 17.10 -2.07
C MET A 448 -5.41 16.47 -2.22
N ILE A 449 -5.81 15.76 -1.18
CA ILE A 449 -7.09 15.10 -1.19
C ILE A 449 -8.23 16.13 -1.31
N ALA A 450 -8.21 17.17 -0.46
CA ALA A 450 -9.23 18.23 -0.46
C ALA A 450 -9.29 18.80 -1.85
N GLY A 451 -8.12 18.99 -2.44
CA GLY A 451 -8.01 19.57 -3.79
C GLY A 451 -8.64 18.74 -4.90
N PHE A 452 -8.44 17.44 -4.86
CA PHE A 452 -9.03 16.61 -5.87
C PHE A 452 -10.54 16.47 -5.66
N ILE A 453 -11.00 16.50 -4.40
CA ILE A 453 -12.43 16.53 -4.21
C ILE A 453 -13.04 17.81 -4.79
N ALA A 454 -12.43 18.97 -4.51
CA ALA A 454 -12.89 20.23 -5.05
C ALA A 454 -12.99 20.17 -6.62
N GLN A 455 -12.11 19.40 -7.24
CA GLN A 455 -12.13 19.25 -8.70
C GLN A 455 -13.15 18.24 -9.19
N GLY A 456 -13.88 17.59 -8.27
CA GLY A 456 -15.01 16.74 -8.65
C GLY A 456 -14.75 15.24 -8.52
N LEU A 457 -13.56 14.80 -8.07
CA LEU A 457 -13.40 13.38 -7.86
C LEU A 457 -14.20 13.02 -6.55
N SER A 458 -14.70 11.80 -6.46
CA SER A 458 -15.34 11.34 -5.26
C SER A 458 -14.29 11.28 -4.13
N PRO A 459 -14.75 11.28 -2.87
CA PRO A 459 -13.80 11.09 -1.76
C PRO A 459 -12.84 9.88 -1.88
N LEU A 460 -13.32 8.74 -2.33
CA LEU A 460 -12.46 7.56 -2.48
C LEU A 460 -11.50 7.75 -3.64
N GLU A 461 -12.00 8.35 -4.72
CA GLU A 461 -11.15 8.58 -5.89
C GLU A 461 -10.08 9.60 -5.58
N ALA A 462 -10.47 10.70 -4.94
CA ALA A 462 -9.52 11.74 -4.54
C ALA A 462 -8.41 11.14 -3.69
N SER A 463 -8.78 10.26 -2.75
CA SER A 463 -7.82 9.67 -1.85
C SER A 463 -6.89 8.72 -2.62
N THR A 464 -7.43 8.00 -3.58
CA THR A 464 -6.66 7.01 -4.33
C THR A 464 -5.57 7.74 -5.12
N VAL A 465 -5.99 8.80 -5.74
CA VAL A 465 -5.09 9.50 -6.64
C VAL A 465 -4.07 10.23 -5.81
N SER A 466 -4.46 10.80 -4.68
CA SER A 466 -3.53 11.58 -3.88
C SER A 466 -2.40 10.77 -3.23
N VAL A 467 -2.71 9.61 -2.66
CA VAL A 467 -1.67 8.80 -2.00
C VAL A 467 -0.67 8.33 -3.04
N TYR A 468 -1.16 8.00 -4.22
CA TYR A 468 -0.23 7.57 -5.24
C TYR A 468 0.74 8.65 -5.61
N LEU A 469 0.19 9.83 -5.93
CA LEU A 469 0.97 10.95 -6.42
C LEU A 469 1.90 11.47 -5.36
N HIS A 470 1.39 11.54 -4.14
CA HIS A 470 2.20 12.00 -3.00
C HIS A 470 3.41 11.09 -2.80
N GLY A 471 3.22 9.77 -2.93
CA GLY A 471 4.35 8.83 -2.85
C GLY A 471 5.28 8.94 -4.04
N PHE A 472 4.71 9.05 -5.23
CA PHE A 472 5.50 9.19 -6.42
C PHE A 472 6.35 10.51 -6.45
N ALA A 473 5.79 11.63 -6.05
CA ALA A 473 6.54 12.87 -5.91
C ALA A 473 7.83 12.64 -5.04
N ALA A 474 7.69 11.97 -3.90
CA ALA A 474 8.86 11.64 -3.06
C ALA A 474 9.93 10.84 -3.77
N GLU A 475 9.52 9.92 -4.64
CA GLU A 475 10.48 9.12 -5.36
C GLU A 475 11.20 9.95 -6.41
N LEU A 476 10.66 11.09 -6.80
CA LEU A 476 11.34 11.89 -7.85
C LEU A 476 12.39 12.83 -7.28
N PHE A 477 12.57 12.86 -5.96
CA PHE A 477 13.55 13.71 -5.35
C PHE A 477 14.93 13.29 -5.84
N GLU A 478 15.68 14.28 -6.29
CA GLU A 478 16.99 14.09 -6.87
C GLU A 478 18.09 13.58 -5.94
N GLN A 479 18.13 14.08 -4.72
CA GLN A 479 19.15 13.67 -3.76
C GLN A 479 18.73 12.53 -2.83
N ASP A 480 19.49 12.26 -1.77
CA ASP A 480 19.12 11.17 -0.87
C ASP A 480 17.77 11.45 -0.18
N GLU A 481 16.93 10.42 -0.13
CA GLU A 481 15.56 10.54 0.29
C GLU A 481 15.48 11.08 1.71
N ARG A 482 16.47 10.85 2.56
CA ARG A 482 16.25 11.25 3.95
C ARG A 482 16.27 12.75 4.16
N GLY A 483 16.83 13.47 3.18
CA GLY A 483 16.88 14.88 3.21
C GLY A 483 15.67 15.53 2.60
N LEU A 484 14.65 14.75 2.23
CA LEU A 484 13.46 15.33 1.62
C LEU A 484 12.65 16.04 2.68
N THR A 485 12.22 17.24 2.41
CA THR A 485 11.32 18.01 3.33
C THR A 485 10.01 18.35 2.61
N ALA A 486 8.99 18.72 3.40
CA ALA A 486 7.67 18.96 2.90
C ALA A 486 7.63 19.98 1.74
N SER A 487 8.46 21.01 1.83
CA SER A 487 8.55 22.05 0.79
C SER A 487 9.07 21.52 -0.51
N GLU A 488 9.98 20.58 -0.45
CA GLU A 488 10.53 20.03 -1.64
C GLU A 488 9.54 19.09 -2.28
N LEU A 489 8.81 18.37 -1.45
CA LEU A 489 7.74 17.49 -1.88
C LEU A 489 6.70 18.27 -2.68
N LEU A 490 6.33 19.44 -2.19
CA LEU A 490 5.36 20.30 -2.87
C LEU A 490 5.81 20.61 -4.29
N ARG A 491 7.09 20.92 -4.43
CA ARG A 491 7.67 21.29 -5.72
C ARG A 491 7.67 20.11 -6.71
N LEU A 492 7.73 18.87 -6.21
CA LEU A 492 7.75 17.69 -7.08
C LEU A 492 6.37 17.20 -7.50
N ILE A 493 5.29 17.64 -6.82
CA ILE A 493 3.95 17.20 -7.17
C ILE A 493 3.62 17.37 -8.70
N PRO A 494 3.83 18.54 -9.27
CA PRO A 494 3.53 18.71 -10.67
C PRO A 494 4.41 17.87 -11.64
N GLU A 495 5.63 17.54 -11.24
CA GLU A 495 6.40 16.58 -12.04
C GLU A 495 5.81 15.14 -12.00
N ALA A 496 5.29 14.76 -10.83
CA ALA A 496 4.67 13.49 -10.69
C ALA A 496 3.46 13.40 -11.58
N ILE A 497 2.66 14.45 -11.61
CA ILE A 497 1.50 14.55 -12.52
C ILE A 497 1.92 14.41 -13.95
N ARG A 498 2.95 15.14 -14.35
CA ARG A 498 3.38 15.07 -15.72
C ARG A 498 3.82 13.64 -16.05
N ARG A 499 4.63 13.05 -15.16
CA ARG A 499 5.17 11.70 -15.44
C ARG A 499 4.08 10.63 -15.46
N LEU A 500 3.07 10.81 -14.64
CA LEU A 500 1.90 9.96 -14.66
C LEU A 500 1.18 9.95 -16.02
N LYS A 501 1.21 11.03 -16.76
CA LYS A 501 0.73 10.95 -18.16
C LYS A 501 1.94 10.81 -19.08
N ALA B 1 3.84 -8.25 -21.64
CA ALA B 1 2.76 -8.27 -20.58
C ALA B 1 1.73 -9.48 -20.55
N TRP B 2 1.73 -10.37 -21.54
CA TRP B 2 0.83 -11.54 -21.49
C TRP B 2 1.14 -12.48 -20.32
N LEU B 3 2.43 -12.77 -20.10
CA LEU B 3 2.84 -13.65 -19.00
C LEU B 3 2.92 -12.95 -17.62
N PHE B 4 3.55 -11.79 -17.58
CA PHE B 4 3.92 -11.14 -16.32
C PHE B 4 3.31 -9.76 -16.20
N GLU B 5 2.81 -9.44 -15.01
CA GLU B 5 2.64 -8.06 -14.55
C GLU B 5 3.74 -7.76 -13.50
N ALA B 6 4.27 -6.53 -13.50
CA ALA B 6 5.28 -6.06 -12.51
C ALA B 6 4.70 -4.89 -11.75
#